data_8DCQ
#
_entry.id   8DCQ
#
_cell.length_a   65.660
_cell.length_b   67.280
_cell.length_c   87.380
_cell.angle_alpha   90.00
_cell.angle_beta   90.00
_cell.angle_gamma   90.00
#
_symmetry.space_group_name_H-M   'P 21 21 21'
#
loop_
_entity.id
_entity.type
_entity.pdbx_description
1 polymer 'HIV-1 LM/HT Clade A/E CRF01 gp120 core'
2 non-polymer 2-acetamido-2-deoxy-beta-D-glucopyranose
3 non-polymer N~1~-{(3R)-1-[2-(5-carbamimidamidopentanamido)ethyl]-1-azaspiro[5.5]undecan-3-yl}-N~2~-(4-chlorophenyl)ethanediamide
4 non-polymer '4-(2-HYDROXYETHYL)-1-PIPERAZINE ETHANESULFONIC ACID'
#
_entity_poly.entity_id   1
_entity_poly.type   'polypeptide(L)'
_entity_poly.pdbx_seq_one_letter_code
;VPVWKDADTTLFCASDAKAYETEVHNVWATHACVPTDPNPQEIHLENVTENFNMWKNNMVEQMHEDIISLWDQSLQPCVK
LTGGSVIKQACPKISFDPIPIHYCTPAGYVILKCNDKNFNGTGPCKNVSSVQCTHGIKPVVSTQLLLNGSLAEEEIIIRS
ENLTNNAKTIIVHLNKSVEINCTRPSNGGSGSGGDIRKAYCEINGTKWNKVLKQVTEKLKEHFNNKTIIFQPPSGGDLEI
TMHTFNCRGEFFYCNTTQLFNNTCIGNETMKGCNGTITLPCKIKQIINMWQGTGQAMYAPPIDGKINCVSNITGILLTRD
GGANNTSNETFRPGGGDMRDNWRSELYKYKVVQIE
;
_entity_poly.pdbx_strand_id   A
#
# COMPACT_ATOMS: atom_id res chain seq x y z
N PRO A 2 33.53 4.51 -3.81
CA PRO A 2 32.80 4.83 -2.58
C PRO A 2 32.52 6.33 -2.40
N VAL A 3 32.69 6.80 -1.16
CA VAL A 3 32.41 8.15 -0.66
C VAL A 3 30.97 8.56 -0.94
N TRP A 4 30.19 8.74 0.12
CA TRP A 4 28.82 9.22 0.01
C TRP A 4 28.39 9.75 1.36
N LYS A 5 27.23 10.39 1.38
CA LYS A 5 26.71 11.02 2.59
C LYS A 5 25.21 11.17 2.43
N ASP A 6 24.48 11.01 3.53
CA ASP A 6 23.03 11.09 3.47
C ASP A 6 22.58 12.49 3.05
N ALA A 7 21.76 12.55 2.00
CA ALA A 7 21.31 13.83 1.46
C ALA A 7 20.00 13.61 0.71
N ASP A 8 19.44 14.72 0.24
CA ASP A 8 18.18 14.71 -0.49
C ASP A 8 18.32 15.55 -1.74
N THR A 9 17.47 15.25 -2.72
CA THR A 9 17.46 15.97 -3.98
C THR A 9 16.12 15.73 -4.66
N THR A 10 15.97 16.24 -5.88
CA THR A 10 14.75 16.08 -6.65
C THR A 10 14.92 14.90 -7.59
N LEU A 11 14.08 13.88 -7.41
CA LEU A 11 14.27 12.62 -8.10
C LEU A 11 13.61 12.69 -9.47
N PHE A 12 13.73 11.61 -10.24
CA PHE A 12 13.06 11.50 -11.54
C PHE A 12 12.58 10.06 -11.71
N CYS A 13 11.65 9.85 -12.63
CA CYS A 13 10.97 8.55 -12.68
C CYS A 13 11.16 7.89 -14.05
N ALA A 14 10.75 6.63 -14.11
CA ALA A 14 10.89 5.84 -15.34
C ALA A 14 9.82 4.75 -15.35
N SER A 15 9.36 4.36 -16.54
CA SER A 15 8.28 3.38 -16.58
C SER A 15 8.10 2.78 -17.96
N ASP A 16 7.71 1.51 -18.01
CA ASP A 16 7.35 0.80 -19.23
C ASP A 16 5.93 1.22 -19.64
N ALA A 17 5.84 2.36 -20.31
CA ALA A 17 4.55 3.01 -20.56
C ALA A 17 4.27 3.10 -22.05
N LYS A 18 3.44 2.19 -22.55
CA LYS A 18 3.02 2.21 -23.96
C LYS A 18 2.41 3.56 -24.31
N ALA A 19 2.76 4.08 -25.48
CA ALA A 19 2.36 5.41 -25.89
C ALA A 19 1.03 5.44 -26.65
N TYR A 20 0.46 4.28 -26.97
CA TYR A 20 -0.83 4.22 -27.66
C TYR A 20 -2.00 4.05 -26.71
N GLU A 21 -1.82 3.20 -25.69
CA GLU A 21 -2.86 2.93 -24.72
C GLU A 21 -3.24 4.20 -23.97
N THR A 22 -4.45 4.20 -23.42
CA THR A 22 -4.91 5.30 -22.58
C THR A 22 -5.19 4.87 -21.15
N GLU A 23 -4.73 3.70 -20.73
CA GLU A 23 -4.88 3.28 -19.33
C GLU A 23 -4.18 4.24 -18.39
N VAL A 24 -4.52 5.52 -18.60
CA VAL A 24 -4.10 6.75 -17.85
C VAL A 24 -2.75 6.63 -17.12
N HIS A 25 -2.45 5.54 -16.46
CA HIS A 25 -1.13 5.45 -15.85
C HIS A 25 -0.05 5.51 -16.93
N ASN A 26 -0.31 4.91 -18.09
CA ASN A 26 0.60 5.04 -19.23
C ASN A 26 0.58 6.45 -19.80
N VAL A 27 -0.61 6.93 -20.18
CA VAL A 27 -0.77 8.29 -20.73
C VAL A 27 -0.08 9.33 -19.86
N TRP A 28 0.01 9.09 -18.55
CA TRP A 28 0.73 10.02 -17.70
C TRP A 28 2.20 9.66 -17.56
N ALA A 29 2.58 8.39 -17.71
CA ALA A 29 3.99 8.03 -17.59
C ALA A 29 4.75 8.17 -18.91
N THR A 30 4.10 8.58 -20.00
CA THR A 30 4.84 8.94 -21.21
C THR A 30 5.22 10.41 -21.26
N HIS A 31 4.47 11.27 -20.60
CA HIS A 31 4.73 12.71 -20.61
C HIS A 31 5.31 13.21 -19.29
N ALA A 32 5.59 12.32 -18.34
CA ALA A 32 6.25 12.72 -17.10
C ALA A 32 7.37 11.79 -16.67
N CYS A 33 7.42 10.56 -17.18
CA CYS A 33 8.49 9.62 -16.87
C CYS A 33 9.27 9.31 -18.14
N VAL A 34 10.41 8.66 -17.97
CA VAL A 34 11.31 8.34 -19.08
C VAL A 34 11.39 6.83 -19.19
N PRO A 35 11.85 6.31 -20.33
CA PRO A 35 11.89 4.85 -20.50
C PRO A 35 12.73 4.14 -19.44
N THR A 36 12.41 2.87 -19.24
CA THR A 36 13.11 2.05 -18.26
C THR A 36 14.56 1.80 -18.71
N ASP A 37 15.48 1.79 -17.73
CA ASP A 37 16.88 1.47 -17.92
C ASP A 37 17.04 0.25 -18.81
N PRO A 38 17.57 0.44 -20.04
CA PRO A 38 17.72 -0.71 -20.96
C PRO A 38 18.54 -1.83 -20.35
N ASN A 39 19.77 -1.54 -19.96
CA ASN A 39 20.63 -2.51 -19.28
C ASN A 39 21.00 -1.98 -17.90
N PRO A 40 20.38 -2.51 -16.83
CA PRO A 40 20.61 -1.98 -15.49
C PRO A 40 21.38 -2.87 -14.54
N GLN A 41 22.34 -2.29 -13.80
CA GLN A 41 23.12 -3.08 -12.86
C GLN A 41 22.99 -2.48 -11.47
N GLU A 42 22.99 -3.37 -10.48
CA GLU A 42 23.03 -2.97 -9.09
C GLU A 42 24.33 -3.54 -8.49
N ILE A 43 25.14 -2.65 -7.94
CA ILE A 43 26.47 -3.02 -7.47
C ILE A 43 26.44 -3.15 -5.95
N HIS A 44 26.83 -4.32 -5.46
CA HIS A 44 26.90 -4.58 -4.03
C HIS A 44 28.18 -4.00 -3.46
N LEU A 45 28.12 -3.62 -2.18
CA LEU A 45 29.23 -2.97 -1.49
C LEU A 45 29.74 -3.90 -0.40
N GLU A 46 30.98 -4.37 -0.56
CA GLU A 46 31.53 -5.39 0.33
C GLU A 46 31.87 -4.80 1.70
N ASN A 47 31.58 -5.57 2.75
CA ASN A 47 31.94 -5.24 4.13
C ASN A 47 31.58 -3.80 4.53
N VAL A 48 30.38 -3.38 4.16
CA VAL A 48 29.91 -2.05 4.50
C VAL A 48 28.51 -2.15 5.09
N THR A 49 28.21 -1.24 6.02
CA THR A 49 26.93 -1.22 6.72
C THR A 49 26.46 0.23 6.82
N GLU A 50 25.16 0.44 6.62
CA GLU A 50 24.59 1.78 6.57
C GLU A 50 23.19 1.74 7.16
N ASN A 51 22.81 2.83 7.85
CA ASN A 51 21.55 2.88 8.59
C ASN A 51 20.44 3.44 7.71
N PHE A 52 19.26 2.83 7.79
CA PHE A 52 18.08 3.27 7.08
C PHE A 52 16.95 3.56 8.06
N ASN A 53 15.96 4.32 7.61
CA ASN A 53 14.75 4.53 8.38
C ASN A 53 13.65 5.12 7.50
N MET A 54 12.59 4.35 7.28
CA MET A 54 11.59 4.66 6.25
C MET A 54 10.62 5.76 6.67
N TRP A 55 10.60 6.15 7.94
CA TRP A 55 9.63 7.12 8.41
C TRP A 55 10.13 8.54 8.34
N LYS A 56 11.45 8.74 8.31
CA LYS A 56 12.04 10.05 8.08
C LYS A 56 12.57 10.19 6.67
N ASN A 57 12.41 9.13 5.86
CA ASN A 57 12.90 9.10 4.48
C ASN A 57 12.06 10.05 3.63
N ASN A 58 12.70 10.64 2.62
CA ASN A 58 12.07 11.67 1.80
C ASN A 58 11.70 11.18 0.40
N MET A 59 12.19 10.01 -0.02
CA MET A 59 11.68 9.41 -1.25
C MET A 59 10.19 9.14 -1.15
N VAL A 60 9.70 8.77 0.03
CA VAL A 60 8.27 8.52 0.22
C VAL A 60 7.47 9.81 -0.02
N GLU A 61 7.85 10.88 0.66
CA GLU A 61 7.20 12.17 0.45
C GLU A 61 7.17 12.50 -1.03
N GLN A 62 8.35 12.46 -1.64
CA GLN A 62 8.50 12.83 -3.03
C GLN A 62 7.65 11.97 -3.97
N MET A 63 7.39 10.70 -3.61
CA MET A 63 6.51 9.85 -4.42
C MET A 63 5.03 10.19 -4.21
N HIS A 64 4.70 10.61 -3.00
CA HIS A 64 3.33 11.06 -2.74
C HIS A 64 3.00 12.28 -3.61
N GLU A 65 3.94 13.23 -3.70
CA GLU A 65 3.74 14.35 -4.63
C GLU A 65 3.64 13.91 -6.08
N ASP A 66 3.99 12.66 -6.39
CA ASP A 66 3.84 12.12 -7.73
C ASP A 66 2.39 11.64 -7.95
N ILE A 67 1.96 10.69 -7.12
CA ILE A 67 0.62 10.13 -7.33
C ILE A 67 -0.45 11.21 -7.19
N ILE A 68 -0.21 12.23 -6.36
CA ILE A 68 -1.22 13.27 -6.24
C ILE A 68 -1.51 13.91 -7.58
N SER A 69 -0.45 14.31 -8.31
CA SER A 69 -0.63 14.93 -9.61
C SER A 69 -1.17 13.93 -10.62
N LEU A 70 -0.82 12.65 -10.46
CA LEU A 70 -1.43 11.62 -11.32
C LEU A 70 -2.95 11.63 -11.19
N TRP A 71 -3.47 11.76 -9.96
CA TRP A 71 -4.91 11.66 -9.77
C TRP A 71 -5.64 12.98 -10.01
N ASP A 72 -4.98 14.12 -9.79
CA ASP A 72 -5.61 15.39 -10.10
C ASP A 72 -5.59 15.68 -11.59
N GLN A 73 -4.54 15.24 -12.29
CA GLN A 73 -4.46 15.42 -13.73
C GLN A 73 -5.44 14.52 -14.45
N SER A 74 -5.40 13.23 -14.13
CA SER A 74 -6.04 12.18 -14.92
C SER A 74 -7.52 12.09 -14.63
N LEU A 75 -7.91 11.19 -13.72
CA LEU A 75 -9.33 11.01 -13.41
C LEU A 75 -9.95 12.33 -12.99
N GLN A 76 -11.12 12.63 -13.55
CA GLN A 76 -11.80 13.88 -13.29
C GLN A 76 -13.21 13.64 -12.81
N PRO A 77 -13.73 14.53 -11.96
CA PRO A 77 -15.08 14.34 -11.42
C PRO A 77 -16.15 15.16 -12.12
N CYS A 78 -17.41 14.94 -11.73
CA CYS A 78 -18.49 15.81 -12.14
C CYS A 78 -18.48 17.10 -11.35
N VAL A 79 -18.52 16.99 -10.03
CA VAL A 79 -18.44 18.14 -9.12
C VAL A 79 -17.37 17.88 -8.07
N VAL A 86 -17.71 26.12 -6.53
CA VAL A 86 -18.43 25.89 -7.77
C VAL A 86 -17.53 25.22 -8.79
N ILE A 87 -17.64 23.90 -8.92
CA ILE A 87 -16.81 23.14 -9.85
C ILE A 87 -17.72 22.25 -10.70
N LYS A 88 -17.91 22.63 -11.95
CA LYS A 88 -18.73 21.88 -12.91
C LYS A 88 -17.84 21.42 -14.05
N GLN A 89 -17.71 20.11 -14.21
CA GLN A 89 -16.88 19.53 -15.25
C GLN A 89 -17.70 18.50 -16.02
N ALA A 90 -17.07 17.92 -17.02
CA ALA A 90 -17.56 16.69 -17.63
C ALA A 90 -16.87 15.51 -16.95
N CYS A 91 -17.61 14.44 -16.72
CA CYS A 91 -17.03 13.29 -16.02
C CYS A 91 -16.97 12.08 -16.94
N PRO A 92 -16.10 12.08 -17.95
CA PRO A 92 -16.05 10.95 -18.88
C PRO A 92 -15.49 9.72 -18.19
N LYS A 93 -16.10 8.57 -18.48
CA LYS A 93 -15.56 7.31 -17.99
C LYS A 93 -14.20 7.06 -18.63
N ILE A 94 -13.20 6.75 -17.82
CA ILE A 94 -11.84 6.56 -18.30
C ILE A 94 -11.41 5.13 -18.02
N SER A 95 -10.23 4.79 -18.53
CA SER A 95 -9.59 3.50 -18.25
C SER A 95 -8.61 3.68 -17.09
N PHE A 96 -8.37 2.58 -16.37
CA PHE A 96 -7.62 2.66 -15.12
C PHE A 96 -6.97 1.31 -14.84
N ASP A 97 -5.63 1.31 -14.77
CA ASP A 97 -4.85 0.13 -14.44
C ASP A 97 -3.42 0.54 -14.11
N PRO A 98 -3.02 0.49 -12.84
CA PRO A 98 -1.69 0.97 -12.46
C PRO A 98 -0.58 0.20 -13.13
N ILE A 99 0.59 0.85 -13.22
CA ILE A 99 1.77 0.22 -13.80
C ILE A 99 2.99 0.57 -12.95
N PRO A 100 3.97 -0.32 -12.93
CA PRO A 100 5.18 -0.08 -12.14
C PRO A 100 5.93 1.16 -12.59
N ILE A 101 6.48 1.89 -11.62
CA ILE A 101 7.17 3.15 -11.85
C ILE A 101 8.44 3.15 -11.00
N HIS A 102 9.59 3.22 -11.66
CA HIS A 102 10.89 3.23 -11.02
C HIS A 102 11.29 4.66 -10.69
N TYR A 103 12.10 4.81 -9.65
CA TYR A 103 12.48 6.11 -9.12
C TYR A 103 13.99 6.18 -9.04
N CYS A 104 14.58 7.15 -9.76
CA CYS A 104 16.01 7.23 -10.02
C CYS A 104 16.54 8.60 -9.64
N THR A 105 17.78 8.62 -9.16
CA THR A 105 18.53 9.79 -8.76
C THR A 105 19.17 10.47 -9.96
N PRO A 106 19.36 11.80 -9.90
CA PRO A 106 20.04 12.49 -10.99
C PRO A 106 21.55 12.30 -10.97
N ALA A 107 22.31 13.39 -11.06
CA ALA A 107 23.76 13.35 -11.12
C ALA A 107 24.36 13.85 -9.80
N GLY A 108 25.38 13.16 -9.32
CA GLY A 108 25.96 13.42 -8.03
C GLY A 108 25.37 12.61 -6.89
N TYR A 109 24.34 11.81 -7.15
CA TYR A 109 23.67 11.02 -6.13
C TYR A 109 23.53 9.58 -6.61
N VAL A 110 23.11 8.71 -5.71
CA VAL A 110 22.83 7.32 -6.04
C VAL A 110 21.87 6.77 -5.00
N ILE A 111 21.23 5.64 -5.32
CA ILE A 111 20.24 5.02 -4.45
C ILE A 111 20.89 3.81 -3.81
N LEU A 112 20.70 3.65 -2.50
CA LEU A 112 21.15 2.48 -1.77
C LEU A 112 19.96 1.62 -1.42
N LYS A 113 20.23 0.32 -1.37
CA LYS A 113 19.26 -0.76 -1.33
C LYS A 113 19.70 -1.73 -0.26
N CYS A 114 18.83 -1.97 0.71
CA CYS A 114 19.08 -2.91 1.78
C CYS A 114 18.34 -4.19 1.48
N ASN A 115 19.08 -5.25 1.15
CA ASN A 115 18.50 -6.57 0.87
C ASN A 115 18.70 -7.54 2.03
N ASP A 116 18.86 -7.03 3.24
CA ASP A 116 18.93 -7.92 4.38
C ASP A 116 17.61 -8.67 4.50
N LYS A 117 17.71 -9.99 4.45
CA LYS A 117 16.61 -10.94 4.29
C LYS A 117 15.37 -10.56 5.10
N ASN A 118 15.55 -10.15 6.35
CA ASN A 118 14.44 -9.71 7.19
C ASN A 118 14.27 -8.20 7.12
N PHE A 119 14.87 -7.50 8.09
CA PHE A 119 14.94 -6.04 8.15
C PHE A 119 13.56 -5.42 8.42
N ASN A 120 13.42 -4.74 9.55
CA ASN A 120 12.14 -4.16 9.95
C ASN A 120 11.96 -2.72 9.50
N GLY A 121 12.92 -2.15 8.76
CA GLY A 121 12.75 -0.82 8.20
C GLY A 121 13.59 0.26 8.83
N THR A 122 13.41 0.49 10.13
CA THR A 122 14.21 1.46 10.86
C THR A 122 15.41 0.74 11.47
N GLY A 123 16.61 1.24 11.17
CA GLY A 123 17.81 0.65 11.69
C GLY A 123 18.87 0.50 10.63
N PRO A 124 19.85 -0.35 10.90
CA PRO A 124 20.95 -0.53 9.95
C PRO A 124 20.81 -1.77 9.07
N CYS A 125 21.53 -1.79 7.96
CA CYS A 125 21.58 -2.98 7.12
C CYS A 125 22.80 -3.83 7.46
N LYS A 126 23.43 -4.38 6.42
CA LYS A 126 24.57 -5.29 6.52
C LYS A 126 24.89 -5.79 5.12
N ASN A 127 23.84 -5.98 4.32
CA ASN A 127 23.94 -6.41 2.93
C ASN A 127 23.41 -5.30 2.04
N VAL A 128 24.19 -4.24 1.88
CA VAL A 128 23.77 -3.07 1.11
C VAL A 128 24.12 -3.30 -0.35
N SER A 129 23.57 -2.48 -1.23
CA SER A 129 23.85 -2.50 -2.66
C SER A 129 23.48 -1.15 -3.22
N SER A 130 24.13 -0.74 -4.31
CA SER A 130 23.86 0.60 -4.84
C SER A 130 23.24 0.48 -6.23
N VAL A 131 22.00 0.95 -6.34
CA VAL A 131 21.27 0.96 -7.59
C VAL A 131 21.10 2.40 -8.07
N GLN A 132 20.69 2.55 -9.33
CA GLN A 132 20.44 3.85 -9.93
C GLN A 132 18.96 4.19 -9.98
N CYS A 133 18.09 3.21 -10.21
CA CYS A 133 16.65 3.37 -10.10
C CYS A 133 16.13 2.41 -9.04
N THR A 134 14.93 2.69 -8.53
CA THR A 134 14.30 1.78 -7.59
C THR A 134 13.96 0.45 -8.25
N HIS A 135 12.68 0.14 -8.33
CA HIS A 135 12.19 -1.00 -9.07
C HIS A 135 10.71 -0.77 -9.32
N GLY A 136 10.11 -1.64 -10.12
CA GLY A 136 8.72 -1.48 -10.47
C GLY A 136 7.79 -1.48 -9.27
N ILE A 137 7.23 -0.32 -8.95
CA ILE A 137 6.42 -0.15 -7.74
C ILE A 137 5.04 0.36 -8.16
N LYS A 138 4.02 -0.49 -8.00
CA LYS A 138 2.67 -0.14 -8.44
C LYS A 138 2.04 0.87 -7.49
N PRO A 139 1.55 2.01 -7.99
CA PRO A 139 0.94 3.04 -7.13
C PRO A 139 -0.56 2.82 -6.90
N VAL A 140 -0.89 1.75 -6.20
CA VAL A 140 -2.28 1.51 -5.81
C VAL A 140 -2.62 2.43 -4.65
N VAL A 141 -3.83 2.97 -4.67
CA VAL A 141 -4.30 3.87 -3.63
C VAL A 141 -5.42 3.13 -2.91
N SER A 142 -5.10 2.52 -1.79
CA SER A 142 -5.99 1.62 -1.08
C SER A 142 -5.82 1.80 0.43
N THR A 143 -6.81 1.33 1.19
CA THR A 143 -6.80 1.46 2.64
C THR A 143 -7.18 0.14 3.31
N GLN A 144 -6.80 0.03 4.59
CA GLN A 144 -6.91 -1.18 5.41
C GLN A 144 -6.08 -2.35 4.91
N LEU A 145 -6.13 -2.63 3.61
CA LEU A 145 -5.33 -3.69 3.02
C LEU A 145 -4.44 -3.12 1.93
N LEU A 146 -3.19 -3.56 1.90
CA LEU A 146 -2.24 -3.16 0.88
C LEU A 146 -2.32 -4.17 -0.26
N LEU A 147 -2.61 -3.70 -1.47
CA LEU A 147 -2.87 -4.59 -2.59
C LEU A 147 -1.85 -4.38 -3.70
N ASN A 148 -1.51 -5.48 -4.38
CA ASN A 148 -0.63 -5.49 -5.54
C ASN A 148 0.77 -4.96 -5.24
N GLY A 149 1.20 -5.01 -3.99
CA GLY A 149 2.56 -4.62 -3.64
C GLY A 149 3.53 -5.77 -3.82
N SER A 150 4.70 -5.62 -3.20
CA SER A 150 5.70 -6.68 -3.16
C SER A 150 5.53 -7.47 -1.85
N LEU A 151 6.35 -8.49 -1.67
CA LEU A 151 6.19 -9.34 -0.45
C LEU A 151 7.55 -9.60 0.20
N ALA A 152 7.53 -9.92 1.49
CA ALA A 152 8.74 -10.21 2.24
C ALA A 152 9.31 -11.56 1.82
N GLU A 153 10.63 -11.60 1.55
CA GLU A 153 11.26 -12.80 1.07
C GLU A 153 11.63 -13.78 2.18
N GLU A 154 11.33 -13.44 3.44
CA GLU A 154 11.62 -14.32 4.56
C GLU A 154 10.34 -14.52 5.35
N GLU A 155 10.16 -13.85 6.47
CA GLU A 155 9.08 -14.05 7.41
C GLU A 155 8.14 -12.85 7.37
N ILE A 156 7.07 -12.89 8.14
CA ILE A 156 6.20 -11.72 8.29
C ILE A 156 6.91 -10.70 9.15
N ILE A 157 6.76 -9.42 8.84
CA ILE A 157 7.39 -8.41 9.68
C ILE A 157 6.40 -7.29 9.98
N ILE A 158 6.42 -6.82 11.22
CA ILE A 158 5.66 -5.66 11.65
C ILE A 158 6.58 -4.45 11.61
N ARG A 159 6.15 -3.43 10.86
CA ARG A 159 6.90 -2.20 10.67
C ARG A 159 6.15 -1.07 11.35
N SER A 160 6.83 -0.38 12.26
CA SER A 160 6.25 0.77 12.94
C SER A 160 7.37 1.69 13.40
N GLU A 161 7.12 2.99 13.34
CA GLU A 161 8.02 4.03 13.82
C GLU A 161 8.34 3.81 15.30
N ASN A 162 7.32 4.03 16.13
CA ASN A 162 7.40 3.79 17.61
C ASN A 162 6.38 2.70 17.94
N LEU A 163 6.84 1.44 18.03
CA LEU A 163 5.94 0.31 18.28
C LEU A 163 5.14 0.49 19.56
N THR A 164 5.66 1.28 20.52
CA THR A 164 4.98 1.49 21.79
C THR A 164 3.84 2.50 21.65
N ASN A 165 4.01 3.50 20.78
CA ASN A 165 3.03 4.56 20.56
C ASN A 165 1.65 4.01 20.22
N ASN A 166 0.61 4.85 20.32
CA ASN A 166 -0.74 4.36 20.11
C ASN A 166 -1.49 5.06 18.98
N ALA A 167 -0.90 6.07 18.34
CA ALA A 167 -1.48 6.68 17.15
C ALA A 167 -0.54 6.59 15.96
N LYS A 168 0.45 5.70 16.04
CA LYS A 168 1.35 5.42 14.93
C LYS A 168 0.82 4.20 14.19
N THR A 169 0.66 4.33 12.87
CA THR A 169 0.15 3.21 12.10
C THR A 169 1.15 2.07 12.03
N ILE A 170 0.64 0.84 11.99
CA ILE A 170 1.44 -0.36 11.90
C ILE A 170 1.35 -0.89 10.47
N ILE A 171 2.34 -1.70 10.08
CA ILE A 171 2.37 -2.27 8.71
C ILE A 171 2.84 -3.72 8.79
N VAL A 172 2.00 -4.66 8.39
CA VAL A 172 2.34 -6.08 8.51
C VAL A 172 2.67 -6.57 7.10
N HIS A 173 3.97 -6.57 6.79
CA HIS A 173 4.46 -7.10 5.53
C HIS A 173 4.37 -8.61 5.56
N LEU A 174 3.56 -9.15 4.65
CA LEU A 174 3.27 -10.57 4.56
C LEU A 174 4.30 -11.28 3.71
N ASN A 175 4.46 -12.58 3.96
CA ASN A 175 5.28 -13.42 3.11
C ASN A 175 4.44 -14.30 2.19
N LYS A 176 3.12 -14.22 2.27
CA LYS A 176 2.23 -14.98 1.39
C LYS A 176 1.12 -14.06 0.89
N SER A 177 0.99 -13.95 -0.43
CA SER A 177 0.00 -13.08 -1.04
C SER A 177 -1.35 -13.76 -1.00
N VAL A 178 -2.34 -13.08 -0.43
CA VAL A 178 -3.68 -13.65 -0.29
C VAL A 178 -4.53 -13.07 -1.41
N GLU A 179 -4.98 -13.92 -2.33
CA GLU A 179 -5.76 -13.43 -3.46
C GLU A 179 -7.10 -12.90 -2.99
N ILE A 180 -7.50 -11.75 -3.55
CA ILE A 180 -8.81 -11.14 -3.34
C ILE A 180 -9.48 -10.99 -4.70
N ASN A 181 -10.80 -11.16 -4.73
CA ASN A 181 -11.53 -11.11 -6.00
C ASN A 181 -12.82 -10.34 -5.83
N CYS A 182 -12.91 -9.14 -6.39
CA CYS A 182 -14.09 -8.29 -6.19
C CYS A 182 -14.85 -8.09 -7.49
N THR A 183 -16.17 -8.22 -7.42
CA THR A 183 -16.99 -8.25 -8.62
C THR A 183 -18.28 -7.43 -8.44
N ARG A 184 -18.83 -7.00 -9.59
CA ARG A 184 -20.12 -6.34 -9.72
C ARG A 184 -20.69 -6.68 -11.11
N PRO A 185 -21.58 -7.70 -11.24
CA PRO A 185 -22.06 -8.11 -12.59
C PRO A 185 -23.38 -7.47 -12.99
N SER A 186 -24.19 -8.19 -13.76
CA SER A 186 -25.54 -7.75 -14.12
C SER A 186 -26.42 -8.95 -14.42
N ASP A 195 -30.22 -2.33 -8.18
CA ASP A 195 -29.14 -1.36 -8.02
C ASP A 195 -27.87 -1.79 -8.72
N ILE A 196 -27.32 -0.90 -9.54
CA ILE A 196 -26.04 -1.15 -10.21
C ILE A 196 -24.98 -1.42 -9.16
N ARG A 197 -24.67 -0.39 -8.36
CA ARG A 197 -23.52 -0.39 -7.45
C ARG A 197 -23.76 -1.25 -6.20
N LYS A 198 -23.96 -2.55 -6.42
CA LYS A 198 -24.09 -3.51 -5.33
C LYS A 198 -23.13 -4.65 -5.62
N ALA A 199 -21.99 -4.67 -4.93
CA ALA A 199 -20.88 -5.53 -5.31
C ALA A 199 -20.49 -6.45 -4.16
N TYR A 200 -19.52 -7.33 -4.43
CA TYR A 200 -18.97 -8.12 -3.34
C TYR A 200 -17.51 -8.41 -3.56
N CYS A 201 -16.89 -9.02 -2.55
CA CYS A 201 -15.52 -9.51 -2.66
C CYS A 201 -15.42 -10.90 -2.06
N GLU A 202 -15.06 -11.87 -2.90
CA GLU A 202 -14.76 -13.22 -2.47
C GLU A 202 -13.28 -13.31 -2.08
N ILE A 203 -13.04 -13.88 -0.90
CA ILE A 203 -11.69 -14.12 -0.39
C ILE A 203 -11.63 -15.56 0.12
N ASN A 204 -10.47 -16.18 -0.04
CA ASN A 204 -10.23 -17.52 0.47
C ASN A 204 -10.10 -17.45 1.99
N GLY A 205 -11.15 -17.85 2.70
CA GLY A 205 -11.09 -17.87 4.15
C GLY A 205 -10.01 -18.80 4.67
N THR A 206 -9.79 -19.93 4.00
CA THR A 206 -8.73 -20.84 4.39
C THR A 206 -7.38 -20.13 4.35
N LYS A 207 -7.01 -19.58 3.19
CA LYS A 207 -5.76 -18.84 3.06
C LYS A 207 -5.73 -17.67 4.04
N TRP A 208 -6.83 -16.90 4.10
CA TRP A 208 -6.88 -15.71 4.94
C TRP A 208 -6.54 -16.06 6.39
N ASN A 209 -7.25 -17.03 6.98
CA ASN A 209 -7.03 -17.29 8.40
C ASN A 209 -5.77 -18.10 8.70
N LYS A 210 -5.28 -18.94 7.78
CA LYS A 210 -3.96 -19.50 8.02
C LYS A 210 -2.95 -18.36 8.17
N VAL A 211 -2.92 -17.46 7.19
CA VAL A 211 -1.98 -16.35 7.28
C VAL A 211 -2.27 -15.47 8.50
N LEU A 212 -3.53 -15.37 8.91
CA LEU A 212 -3.87 -14.47 10.01
C LEU A 212 -3.42 -15.02 11.35
N LYS A 213 -3.54 -16.34 11.56
CA LYS A 213 -2.88 -16.98 12.69
C LYS A 213 -1.41 -16.61 12.75
N GLN A 214 -0.72 -16.69 11.61
CA GLN A 214 0.68 -16.28 11.59
C GLN A 214 0.86 -14.84 12.05
N VAL A 215 0.00 -13.94 11.55
CA VAL A 215 0.07 -12.53 11.89
C VAL A 215 -0.05 -12.33 13.41
N THR A 216 -0.98 -13.03 14.04
CA THR A 216 -1.11 -12.91 15.50
C THR A 216 0.14 -13.43 16.21
N GLU A 217 0.71 -14.54 15.74
CA GLU A 217 1.91 -15.05 16.39
C GLU A 217 3.01 -13.99 16.42
N LYS A 218 3.21 -13.30 15.30
CA LYS A 218 4.24 -12.26 15.29
C LYS A 218 3.86 -11.08 16.19
N LEU A 219 2.59 -10.68 16.20
CA LEU A 219 2.20 -9.56 17.04
C LEU A 219 2.47 -9.85 18.51
N LYS A 220 2.28 -11.10 18.94
CA LYS A 220 2.62 -11.54 20.29
C LYS A 220 4.13 -11.65 20.50
N GLU A 221 4.89 -11.90 19.44
CA GLU A 221 6.35 -11.88 19.55
C GLU A 221 6.86 -10.48 19.87
N HIS A 222 6.22 -9.46 19.31
CA HIS A 222 6.61 -8.10 19.70
C HIS A 222 5.98 -7.63 21.00
N PHE A 223 4.81 -8.15 21.35
CA PHE A 223 4.05 -7.59 22.46
C PHE A 223 4.10 -8.46 23.71
N ASN A 224 5.11 -9.33 23.81
CA ASN A 224 5.44 -10.03 25.05
C ASN A 224 4.28 -10.95 25.44
N ASN A 225 4.28 -12.16 24.89
CA ASN A 225 3.20 -13.14 24.99
C ASN A 225 1.89 -12.63 25.57
N LYS A 226 1.28 -11.69 24.87
CA LYS A 226 0.09 -11.04 25.34
C LYS A 226 -1.05 -11.41 24.40
N THR A 227 -2.26 -11.42 24.92
CA THR A 227 -3.41 -11.87 24.14
C THR A 227 -3.73 -10.82 23.09
N ILE A 228 -3.46 -11.17 21.82
CA ILE A 228 -3.73 -10.29 20.65
C ILE A 228 -5.20 -10.50 20.24
N ILE A 229 -5.90 -9.41 19.90
CA ILE A 229 -7.30 -9.47 19.52
C ILE A 229 -7.50 -8.49 18.39
N PHE A 230 -8.26 -8.90 17.37
CA PHE A 230 -8.55 -8.06 16.22
C PHE A 230 -9.99 -7.58 16.30
N GLN A 231 -10.20 -6.30 16.00
CA GLN A 231 -11.49 -5.68 16.18
C GLN A 231 -11.80 -4.77 15.00
N PRO A 232 -13.06 -4.72 14.55
CA PRO A 232 -13.42 -3.80 13.46
C PRO A 232 -13.31 -2.36 13.90
N PRO A 233 -13.32 -1.40 12.97
CA PRO A 233 -12.96 -0.02 13.31
C PRO A 233 -13.88 0.58 14.36
N SER A 234 -13.32 1.48 15.15
CA SER A 234 -14.07 2.22 16.17
C SER A 234 -15.18 3.04 15.52
N GLY A 235 -14.81 4.04 14.74
CA GLY A 235 -15.77 4.91 14.11
C GLY A 235 -15.13 6.05 13.33
N GLY A 236 -15.49 6.15 12.06
CA GLY A 236 -15.02 7.24 11.24
C GLY A 236 -15.86 7.32 9.99
N ASP A 237 -15.29 7.91 8.95
CA ASP A 237 -15.93 7.88 7.65
C ASP A 237 -15.53 6.62 6.91
N LEU A 238 -16.41 6.19 6.01
CA LEU A 238 -16.26 4.90 5.33
C LEU A 238 -14.92 4.77 4.65
N GLU A 239 -14.25 5.88 4.36
CA GLU A 239 -12.93 5.86 3.76
C GLU A 239 -11.94 5.09 4.65
N ILE A 240 -12.03 5.29 5.96
CA ILE A 240 -11.10 4.71 6.91
C ILE A 240 -11.62 3.40 7.47
N THR A 241 -12.94 3.33 7.70
CA THR A 241 -13.57 2.16 8.31
C THR A 241 -13.99 1.10 7.31
N MET A 242 -13.87 1.36 6.01
CA MET A 242 -14.35 0.42 5.01
C MET A 242 -13.34 0.36 3.88
N HIS A 243 -12.85 -0.86 3.60
CA HIS A 243 -11.76 -1.09 2.67
C HIS A 243 -12.06 -0.46 1.32
N THR A 244 -11.58 0.76 1.14
CA THR A 244 -11.81 1.50 -0.09
C THR A 244 -10.61 1.29 -1.01
N PHE A 245 -10.88 0.77 -2.20
CA PHE A 245 -9.90 0.66 -3.26
C PHE A 245 -10.54 1.16 -4.54
N ASN A 246 -9.75 1.19 -5.61
CA ASN A 246 -10.22 1.67 -6.91
C ASN A 246 -10.15 0.52 -7.89
N CYS A 247 -11.27 0.18 -8.48
CA CYS A 247 -11.38 -0.96 -9.39
C CYS A 247 -11.90 -0.46 -10.73
N ARG A 248 -10.99 -0.34 -11.71
CA ARG A 248 -11.36 -0.01 -13.08
C ARG A 248 -12.02 1.37 -13.19
N GLY A 249 -11.60 2.30 -12.34
CA GLY A 249 -12.24 3.60 -12.28
C GLY A 249 -13.46 3.65 -11.39
N GLU A 250 -13.70 2.62 -10.59
CA GLU A 250 -14.85 2.54 -9.70
C GLU A 250 -14.35 2.49 -8.27
N PHE A 251 -15.01 3.22 -7.37
CA PHE A 251 -14.58 3.31 -5.99
C PHE A 251 -15.39 2.35 -5.13
N PHE A 252 -14.77 1.26 -4.72
CA PHE A 252 -15.41 0.19 -3.96
C PHE A 252 -15.31 0.45 -2.47
N TYR A 253 -16.25 -0.14 -1.74
CA TYR A 253 -16.33 -0.01 -0.29
C TYR A 253 -16.75 -1.36 0.27
N CYS A 254 -15.85 -1.99 1.03
CA CYS A 254 -16.01 -3.37 1.44
C CYS A 254 -15.93 -3.46 2.96
N ASN A 255 -17.01 -3.95 3.57
CA ASN A 255 -17.18 -3.99 5.02
C ASN A 255 -16.32 -5.11 5.60
N THR A 256 -15.01 -4.87 5.63
CA THR A 256 -14.08 -5.83 6.23
C THR A 256 -14.40 -6.11 7.69
N THR A 257 -15.49 -6.83 7.95
CA THR A 257 -15.84 -7.23 9.30
C THR A 257 -15.67 -8.72 9.55
N GLN A 258 -15.79 -9.53 8.49
CA GLN A 258 -15.54 -10.96 8.55
C GLN A 258 -14.06 -11.27 8.43
N LEU A 259 -13.25 -10.28 8.06
CA LEU A 259 -11.81 -10.47 7.94
C LEU A 259 -11.14 -10.37 9.30
N PHE A 260 -11.68 -9.54 10.18
CA PHE A 260 -11.10 -9.25 11.49
C PHE A 260 -12.00 -9.85 12.56
N ASN A 261 -11.94 -11.17 12.68
CA ASN A 261 -12.68 -11.89 13.70
C ASN A 261 -11.76 -12.92 14.35
N ASN A 262 -11.57 -12.77 15.66
CA ASN A 262 -10.67 -13.61 16.43
C ASN A 262 -11.26 -14.95 16.82
N THR A 263 -12.55 -15.16 16.59
CA THR A 263 -13.14 -16.47 16.88
C THR A 263 -12.53 -17.54 15.99
N CYS A 264 -12.37 -17.24 14.69
CA CYS A 264 -12.04 -18.22 13.68
C CYS A 264 -10.58 -18.65 13.76
N ILE A 265 -9.88 -18.29 14.83
CA ILE A 265 -8.49 -18.64 15.05
C ILE A 265 -8.37 -19.57 16.26
N MET A 270 -11.55 -28.81 15.15
CA MET A 270 -11.26 -27.41 14.85
C MET A 270 -12.51 -26.56 14.82
N LYS A 271 -12.60 -25.69 13.81
CA LYS A 271 -13.68 -24.72 13.72
C LYS A 271 -14.47 -24.95 12.44
N GLY A 272 -15.72 -24.50 12.45
CA GLY A 272 -16.59 -24.65 11.31
C GLY A 272 -16.59 -23.45 10.39
N CYS A 273 -15.47 -22.71 10.32
CA CYS A 273 -15.37 -21.54 9.45
C CYS A 273 -14.05 -21.62 8.69
N ASN A 274 -14.11 -22.09 7.44
CA ASN A 274 -12.97 -22.09 6.54
C ASN A 274 -13.41 -22.51 5.13
N GLY A 275 -13.91 -21.55 4.36
CA GLY A 275 -14.38 -21.80 3.02
C GLY A 275 -14.16 -20.63 2.08
N THR A 276 -15.16 -19.77 1.95
CA THR A 276 -15.07 -18.59 1.08
C THR A 276 -15.82 -17.45 1.77
N ILE A 277 -15.14 -16.33 1.95
CA ILE A 277 -15.62 -15.24 2.79
C ILE A 277 -16.09 -14.13 1.84
N THR A 278 -17.35 -14.20 1.43
CA THR A 278 -17.92 -13.10 0.66
C THR A 278 -18.08 -11.88 1.54
N LEU A 279 -17.86 -10.71 0.95
CA LEU A 279 -17.86 -9.46 1.69
C LEU A 279 -18.70 -8.42 0.96
N PRO A 280 -19.66 -7.80 1.66
CA PRO A 280 -20.57 -6.85 1.00
C PRO A 280 -19.86 -5.55 0.65
N CYS A 281 -19.92 -5.17 -0.62
CA CYS A 281 -19.26 -3.97 -1.11
C CYS A 281 -20.26 -3.12 -1.89
N LYS A 282 -19.89 -1.85 -2.07
CA LYS A 282 -20.71 -0.89 -2.78
C LYS A 282 -19.82 0.09 -3.53
N ILE A 283 -20.32 0.58 -4.66
CA ILE A 283 -19.56 1.46 -5.54
C ILE A 283 -20.03 2.88 -5.23
N LYS A 284 -19.39 3.50 -4.25
CA LYS A 284 -19.75 4.87 -3.88
C LYS A 284 -19.40 5.83 -5.00
N GLN A 285 -20.31 6.75 -5.25
CA GLN A 285 -20.11 7.84 -6.20
C GLN A 285 -19.54 9.06 -5.52
N ILE A 286 -19.85 9.25 -4.24
CA ILE A 286 -19.49 10.43 -3.47
C ILE A 286 -18.31 10.03 -2.60
N ILE A 287 -17.10 10.49 -2.91
CA ILE A 287 -15.99 10.05 -2.07
C ILE A 287 -15.24 11.26 -1.53
N ASN A 288 -14.66 11.07 -0.37
CA ASN A 288 -13.77 12.04 0.25
C ASN A 288 -12.35 11.75 -0.23
N MET A 289 -11.74 12.73 -0.91
CA MET A 289 -10.42 12.53 -1.47
C MET A 289 -9.41 12.18 -0.39
N TRP A 290 -8.31 11.54 -0.83
CA TRP A 290 -7.19 11.19 0.04
C TRP A 290 -6.06 12.19 -0.09
N GLN A 291 -6.15 13.12 -1.04
CA GLN A 291 -5.26 14.27 -1.15
C GLN A 291 -5.69 15.42 -0.27
N GLY A 292 -6.74 15.24 0.52
CA GLY A 292 -7.24 16.33 1.32
C GLY A 292 -8.18 17.27 0.58
N THR A 293 -8.67 18.24 1.35
CA THR A 293 -9.45 19.38 0.87
C THR A 293 -10.65 18.98 0.02
N GLY A 294 -11.77 18.69 0.68
CA GLY A 294 -13.06 18.57 0.03
C GLY A 294 -13.39 17.15 -0.38
N GLN A 295 -14.58 17.00 -0.97
CA GLN A 295 -15.12 15.76 -1.49
C GLN A 295 -15.33 15.87 -2.99
N ALA A 296 -15.75 14.77 -3.62
CA ALA A 296 -16.07 14.86 -5.03
C ALA A 296 -17.05 13.76 -5.42
N MET A 297 -17.80 14.01 -6.49
CA MET A 297 -18.74 13.04 -7.01
C MET A 297 -18.37 12.65 -8.42
N TYR A 298 -18.56 11.37 -8.74
CA TYR A 298 -18.23 10.84 -10.06
C TYR A 298 -19.50 10.44 -10.80
N ALA A 299 -19.48 9.33 -11.52
CA ALA A 299 -20.56 9.02 -12.45
C ALA A 299 -20.99 7.56 -12.30
N PRO A 300 -22.19 7.23 -12.77
CA PRO A 300 -22.70 5.88 -12.60
C PRO A 300 -21.77 4.85 -13.20
N PRO A 301 -21.74 3.64 -12.65
CA PRO A 301 -20.80 2.63 -13.14
C PRO A 301 -21.04 2.24 -14.59
N ILE A 302 -19.98 1.73 -15.21
CA ILE A 302 -20.09 1.17 -16.54
C ILE A 302 -21.02 -0.03 -16.52
N ASP A 303 -21.84 -0.16 -17.55
CA ASP A 303 -22.69 -1.33 -17.67
C ASP A 303 -21.83 -2.58 -17.87
N GLY A 304 -22.24 -3.67 -17.24
CA GLY A 304 -21.56 -4.95 -17.39
C GLY A 304 -20.71 -5.29 -16.18
N LYS A 305 -20.06 -6.45 -16.28
CA LYS A 305 -19.25 -6.95 -15.18
C LYS A 305 -18.10 -6.00 -14.88
N ILE A 306 -17.99 -5.57 -13.63
CA ILE A 306 -16.89 -4.72 -13.21
C ILE A 306 -16.19 -5.47 -12.08
N ASN A 307 -14.94 -5.87 -12.29
CA ASN A 307 -14.24 -6.63 -11.26
C ASN A 307 -12.73 -6.42 -11.31
N CYS A 308 -12.08 -6.82 -10.22
CA CYS A 308 -10.63 -6.77 -10.06
C CYS A 308 -10.19 -7.98 -9.25
N VAL A 309 -8.97 -8.45 -9.51
CA VAL A 309 -8.38 -9.58 -8.78
C VAL A 309 -7.02 -9.12 -8.29
N SER A 310 -6.92 -8.82 -7.00
CA SER A 310 -5.71 -8.22 -6.48
C SER A 310 -5.07 -9.11 -5.40
N ASN A 311 -3.82 -8.81 -5.06
CA ASN A 311 -3.09 -9.56 -4.05
C ASN A 311 -3.04 -8.75 -2.77
N ILE A 312 -3.51 -9.33 -1.66
CA ILE A 312 -3.24 -8.76 -0.35
C ILE A 312 -1.84 -9.12 0.08
N THR A 313 -1.09 -8.13 0.55
CA THR A 313 0.34 -8.26 0.80
C THR A 313 0.76 -7.54 2.07
N GLY A 314 0.14 -6.41 2.40
CA GLY A 314 0.38 -5.70 3.64
C GLY A 314 -0.92 -5.54 4.42
N ILE A 315 -0.77 -4.91 5.58
CA ILE A 315 -1.86 -4.77 6.55
C ILE A 315 -1.66 -3.47 7.32
N LEU A 316 -2.70 -2.64 7.37
CA LEU A 316 -2.62 -1.29 7.95
C LEU A 316 -3.43 -1.25 9.25
N LEU A 317 -2.76 -1.45 10.38
CA LEU A 317 -3.40 -1.53 11.68
C LEU A 317 -3.11 -0.28 12.52
N THR A 318 -4.01 -0.02 13.49
CA THR A 318 -3.86 1.08 14.47
C THR A 318 -4.40 0.59 15.83
N ARG A 319 -3.56 -0.14 16.55
CA ARG A 319 -3.88 -0.54 17.91
C ARG A 319 -4.12 0.70 18.76
N ASP A 320 -5.25 0.77 19.44
CA ASP A 320 -5.49 1.90 20.33
C ASP A 320 -5.05 1.59 21.76
N GLY A 321 -4.51 2.60 22.43
CA GLY A 321 -3.83 2.43 23.69
C GLY A 321 -4.70 2.63 24.92
N GLY A 322 -4.40 1.87 25.96
CA GLY A 322 -5.20 1.84 27.17
C GLY A 322 -5.27 0.42 27.69
N ALA A 323 -4.17 -0.32 27.52
CA ALA A 323 -4.12 -1.73 27.89
C ALA A 323 -2.68 -2.16 28.12
N ASN A 324 -1.85 -1.25 28.64
CA ASN A 324 -0.53 -1.62 29.13
C ASN A 324 -0.63 -2.57 30.31
N ASN A 325 -1.81 -2.63 30.94
CA ASN A 325 -2.06 -3.38 32.16
C ASN A 325 -2.88 -4.64 31.92
N THR A 326 -3.97 -4.55 31.15
CA THR A 326 -4.75 -5.73 30.83
C THR A 326 -3.94 -6.67 29.95
N SER A 327 -4.28 -7.95 30.03
CA SER A 327 -3.53 -8.97 29.31
C SER A 327 -4.03 -9.13 27.88
N ASN A 328 -4.57 -8.06 27.30
CA ASN A 328 -5.02 -8.10 25.91
C ASN A 328 -4.70 -6.79 25.22
N GLU A 329 -4.53 -6.87 23.90
CA GLU A 329 -4.29 -5.71 23.06
C GLU A 329 -5.16 -5.82 21.82
N THR A 330 -5.92 -4.77 21.51
CA THR A 330 -6.85 -4.77 20.40
C THR A 330 -6.25 -4.01 19.22
N PHE A 331 -6.35 -4.61 18.04
CA PHE A 331 -5.84 -4.06 16.79
C PHE A 331 -7.01 -3.91 15.83
N ARG A 332 -7.21 -2.70 15.34
CA ARG A 332 -8.31 -2.33 14.48
C ARG A 332 -7.76 -1.76 13.18
N PRO A 333 -8.34 -2.10 12.03
CA PRO A 333 -7.77 -1.68 10.75
C PRO A 333 -7.80 -0.17 10.61
N GLY A 334 -6.89 0.33 9.79
CA GLY A 334 -6.69 1.76 9.65
C GLY A 334 -6.15 2.13 8.29
N GLY A 335 -5.45 3.26 8.25
CA GLY A 335 -4.95 3.84 7.00
C GLY A 335 -5.44 5.26 6.83
N GLY A 336 -5.61 5.65 5.56
CA GLY A 336 -6.05 6.99 5.24
C GLY A 336 -4.95 7.85 4.67
N ASP A 337 -3.87 8.04 5.44
CA ASP A 337 -2.72 8.76 4.92
C ASP A 337 -2.00 7.79 3.98
N MET A 338 -2.14 8.03 2.68
CA MET A 338 -1.62 7.09 1.69
C MET A 338 -0.09 7.04 1.72
N ARG A 339 0.53 7.91 2.53
CA ARG A 339 1.98 7.93 2.60
C ARG A 339 2.51 6.56 3.05
N ASP A 340 1.91 5.97 4.08
CA ASP A 340 2.31 4.65 4.54
C ASP A 340 2.00 3.56 3.53
N ASN A 341 1.22 3.85 2.50
CA ASN A 341 1.08 2.94 1.38
C ASN A 341 2.39 2.83 0.61
N TRP A 342 3.13 3.94 0.50
CA TRP A 342 4.41 3.92 -0.22
C TRP A 342 5.53 3.38 0.66
N ARG A 343 5.54 3.78 1.93
CA ARG A 343 6.57 3.35 2.88
C ARG A 343 6.78 1.84 2.80
N SER A 344 5.69 1.09 2.76
CA SER A 344 5.71 -0.37 2.67
C SER A 344 6.53 -0.88 1.50
N GLU A 345 6.94 0.01 0.59
CA GLU A 345 7.65 -0.41 -0.60
C GLU A 345 9.02 0.23 -0.77
N LEU A 346 9.17 1.51 -0.43
CA LEU A 346 10.48 2.17 -0.42
C LEU A 346 11.09 2.19 0.97
N TYR A 347 10.99 1.08 1.69
CA TYR A 347 11.58 1.01 3.03
C TYR A 347 13.07 0.69 2.94
N LYS A 348 13.48 -0.05 1.92
CA LYS A 348 14.83 -0.55 1.78
C LYS A 348 15.68 0.30 0.84
N TYR A 349 15.29 1.55 0.62
CA TYR A 349 15.99 2.43 -0.30
C TYR A 349 16.32 3.74 0.41
N LYS A 350 17.51 4.28 0.14
CA LYS A 350 17.84 5.63 0.60
C LYS A 350 18.66 6.35 -0.45
N VAL A 351 18.38 7.64 -0.63
CA VAL A 351 19.11 8.46 -1.59
C VAL A 351 20.30 9.07 -0.87
N VAL A 352 21.52 8.68 -1.26
CA VAL A 352 22.69 9.34 -0.70
C VAL A 352 23.38 10.11 -1.81
N GLN A 353 24.11 11.14 -1.41
CA GLN A 353 24.83 12.00 -2.34
C GLN A 353 26.31 11.67 -2.29
N ILE A 354 26.96 11.75 -3.45
CA ILE A 354 28.36 11.35 -3.57
C ILE A 354 29.28 12.41 -2.93
N GLU A 355 29.08 12.67 -1.64
CA GLU A 355 30.01 13.57 -0.96
C GLU A 355 31.26 12.81 -0.57
#